data_8APV
#
_entry.id   8APV
#
_cell.length_a   94.630
_cell.length_b   94.630
_cell.length_c   178.015
_cell.angle_alpha   90.000
_cell.angle_beta   90.000
_cell.angle_gamma   120.000
#
_symmetry.space_group_name_H-M   'H 3 2'
#
loop_
_entity.id
_entity.type
_entity.pdbx_description
1 polymer 'tRNA (guanine-N(1)-)-methyltransferase'
2 non-polymer 1-[[4-(aminomethyl)phenyl]methyl]pyrrolo[2,3-b]pyridine-5-carboxamide
3 non-polymer 'CITRIC ACID'
4 water water
#
_entity_poly.entity_id   1
_entity_poly.type   'polypeptide(L)'
_entity_poly.pdbx_seq_one_letter_code
;MGSSHHHHHHSSGLVPRGSHMWIGVISLFPEMFKAITEFGVTGRAVKHNLLKVECWNPRDFTFDKHKTVDDRPYGGGPGM
LMMVQPLRDAIHTAKAAAGEGAKVIYLSPQGRKLDQGGVTELAQNQKLILVCGRYEGIDERLIQTEIDEEWSIGDYVLTG
GELPAMTLIDAVARFIPGVLGKQASAEEDSFADGLLDCPHYTRPEVLEGLTVPPVLMSGHHEEIRKWRLKQSLQRTWLRR
PELLEGLALTDEQRKLLKEAQAEHNS
;
_entity_poly.pdbx_strand_id   A
#
# COMPACT_ATOMS: atom_id res chain seq x y z
N SER A 11 17.29 19.48 7.49
CA SER A 11 16.10 18.88 8.23
C SER A 11 16.48 18.45 9.67
N SER A 12 15.54 18.52 10.63
CA SER A 12 15.86 18.51 12.09
C SER A 12 14.66 17.99 12.90
N GLY A 13 14.83 17.75 14.22
CA GLY A 13 13.80 17.21 15.13
C GLY A 13 14.33 16.04 15.94
N LEU A 14 13.50 15.51 16.83
CA LEU A 14 13.89 14.69 18.02
C LEU A 14 13.50 13.23 17.85
N VAL A 15 12.65 12.99 16.88
CA VAL A 15 12.01 11.67 16.63
C VAL A 15 13.07 10.81 15.91
N PRO A 16 13.42 9.63 16.48
CA PRO A 16 14.27 8.64 15.77
C PRO A 16 13.66 8.43 14.39
N ARG A 17 14.44 8.73 13.34
CA ARG A 17 14.06 8.65 11.91
C ARG A 17 15.11 7.79 11.22
N GLY A 18 15.64 6.81 11.95
CA GLY A 18 16.75 5.94 11.51
C GLY A 18 16.44 5.37 10.14
N SER A 19 15.27 4.74 10.02
CA SER A 19 14.80 4.03 8.80
C SER A 19 13.85 4.91 7.94
N HIS A 20 14.01 6.25 7.92
CA HIS A 20 13.10 7.19 7.20
C HIS A 20 13.04 6.84 5.70
N MET A 21 11.92 7.18 5.06
CA MET A 21 11.66 6.82 3.65
C MET A 21 11.46 8.10 2.86
N TRP A 22 11.94 8.15 1.65
CA TRP A 22 11.71 9.26 0.70
C TRP A 22 10.98 8.66 -0.49
N ILE A 23 9.88 9.27 -0.87
CA ILE A 23 9.03 8.74 -1.96
C ILE A 23 8.73 9.90 -2.89
N GLY A 24 9.33 9.82 -4.06
CA GLY A 24 8.99 10.72 -5.16
C GLY A 24 7.73 10.27 -5.85
N VAL A 25 7.01 11.20 -6.42
CA VAL A 25 5.74 10.93 -7.12
C VAL A 25 5.72 11.77 -8.38
N ILE A 26 5.35 11.12 -9.48
CA ILE A 26 5.01 11.74 -10.78
C ILE A 26 3.51 11.63 -10.99
N SER A 27 2.83 12.76 -10.96
CA SER A 27 1.37 12.74 -11.08
C SER A 27 0.96 14.06 -11.67
N LEU A 28 0.00 13.99 -12.59
CA LEU A 28 -0.78 15.17 -13.05
C LEU A 28 -1.71 15.69 -11.97
N PHE A 29 -1.95 14.98 -10.88
CA PHE A 29 -2.84 15.47 -9.79
C PHE A 29 -2.10 15.35 -8.48
N PRO A 30 -1.00 16.11 -8.29
CA PRO A 30 -0.23 16.05 -7.06
C PRO A 30 -1.04 16.44 -5.81
N GLU A 31 -2.11 17.21 -5.98
CA GLU A 31 -2.81 17.72 -4.79
C GLU A 31 -3.62 16.57 -4.21
N MET A 32 -3.79 15.46 -4.93
CA MET A 32 -4.49 14.27 -4.41
C MET A 32 -3.69 13.70 -3.25
N PHE A 33 -2.36 13.77 -3.30
CA PHE A 33 -1.47 13.17 -2.27
C PHE A 33 -1.70 13.90 -0.95
N LYS A 34 -2.34 15.06 -0.91
CA LYS A 34 -2.67 15.70 0.39
C LYS A 34 -3.50 14.74 1.24
N ALA A 35 -4.10 13.70 0.65
CA ALA A 35 -5.05 12.87 1.43
C ALA A 35 -4.21 12.04 2.38
N ILE A 36 -2.96 11.78 1.99
CA ILE A 36 -2.02 11.00 2.85
C ILE A 36 -1.03 11.93 3.57
N THR A 37 -0.59 13.04 3.00
CA THR A 37 0.50 13.83 3.62
C THR A 37 -0.05 14.78 4.70
N GLU A 38 -1.34 15.10 4.74
CA GLU A 38 -1.84 16.11 5.69
C GLU A 38 -2.77 15.51 6.75
N PHE A 39 -2.96 14.19 6.84
CA PHE A 39 -3.97 13.58 7.74
C PHE A 39 -3.45 12.30 8.40
N GLY A 40 -3.82 12.15 9.66
CA GLY A 40 -3.79 10.86 10.38
C GLY A 40 -2.38 10.41 10.53
N VAL A 41 -2.16 9.10 10.54
CA VAL A 41 -0.85 8.48 10.88
C VAL A 41 0.16 8.88 9.80
N THR A 42 -0.22 8.91 8.53
CA THR A 42 0.71 9.23 7.42
C THR A 42 1.06 10.72 7.53
N GLY A 43 0.07 11.54 7.88
CA GLY A 43 0.32 12.97 8.12
C GLY A 43 1.35 13.14 9.23
N ARG A 44 1.23 12.35 10.30
CA ARG A 44 2.16 12.45 11.47
C ARG A 44 3.55 12.03 10.96
N ALA A 45 3.65 10.96 10.19
CA ALA A 45 4.93 10.48 9.63
C ALA A 45 5.58 11.60 8.84
N VAL A 46 4.80 12.36 8.07
CA VAL A 46 5.42 13.39 7.21
C VAL A 46 5.94 14.49 8.13
N LYS A 47 5.09 15.01 9.01
CA LYS A 47 5.45 16.10 9.95
C LYS A 47 6.69 15.77 10.81
N HIS A 48 6.88 14.52 11.24
CA HIS A 48 8.00 14.08 12.12
C HIS A 48 9.20 13.61 11.26
N ASN A 49 9.16 13.84 9.94
CA ASN A 49 10.28 13.49 9.02
C ASN A 49 10.57 12.00 9.07
N LEU A 50 9.59 11.16 9.34
CA LEU A 50 9.72 9.70 9.12
C LEU A 50 9.51 9.41 7.63
N LEU A 51 8.71 10.25 7.00
CA LEU A 51 8.24 10.00 5.61
C LEU A 51 8.27 11.30 4.83
N LYS A 52 8.81 11.28 3.63
CA LYS A 52 8.85 12.48 2.77
C LYS A 52 8.27 12.05 1.44
N VAL A 53 7.24 12.75 1.00
CA VAL A 53 6.59 12.56 -0.32
C VAL A 53 6.84 13.83 -1.09
N GLU A 54 7.53 13.77 -2.22
CA GLU A 54 7.88 14.93 -3.08
C GLU A 54 7.24 14.67 -4.45
N CYS A 55 6.48 15.60 -5.00
CA CYS A 55 5.75 15.34 -6.26
C CYS A 55 6.37 16.18 -7.38
N TRP A 56 6.34 15.60 -8.58
CA TRP A 56 6.56 16.34 -9.85
C TRP A 56 5.38 16.13 -10.77
N ASN A 57 4.98 17.21 -11.40
CA ASN A 57 3.83 17.24 -12.33
C ASN A 57 4.36 17.40 -13.77
N PRO A 58 4.05 16.44 -14.65
CA PRO A 58 4.47 16.53 -16.04
C PRO A 58 3.93 17.76 -16.75
N ARG A 59 2.80 18.28 -16.28
CA ARG A 59 2.33 19.59 -16.81
C ARG A 59 3.48 20.60 -16.74
N ASP A 60 4.31 20.55 -15.70
CA ASP A 60 5.36 21.56 -15.49
C ASP A 60 6.51 21.31 -16.45
N PHE A 61 6.52 20.18 -17.18
CA PHE A 61 7.67 19.79 -18.01
C PHE A 61 7.27 19.94 -19.49
N THR A 62 6.11 20.60 -19.72
CA THR A 62 5.64 20.96 -21.08
C THR A 62 6.22 22.32 -21.53
N PHE A 63 6.25 22.51 -22.85
CA PHE A 63 6.77 23.71 -23.54
C PHE A 63 5.71 24.35 -24.46
N ASP A 64 4.63 23.66 -24.78
CA ASP A 64 3.54 24.20 -25.65
C ASP A 64 2.59 25.11 -24.82
N LYS A 65 1.90 26.01 -25.51
CA LYS A 65 1.04 27.05 -24.89
C LYS A 65 0.01 26.38 -23.99
N HIS A 66 -0.62 25.31 -24.44
CA HIS A 66 -1.73 24.62 -23.71
C HIS A 66 -1.26 23.53 -22.71
N LYS A 67 0.03 23.16 -22.67
CA LYS A 67 0.60 22.27 -21.63
C LYS A 67 0.03 20.84 -21.76
N THR A 68 0.09 20.33 -22.98
CA THR A 68 -0.41 19.03 -23.40
C THR A 68 0.41 17.95 -22.69
N VAL A 69 -0.31 17.02 -22.06
CA VAL A 69 0.27 15.90 -21.27
C VAL A 69 -0.29 14.58 -21.75
N ASP A 70 -1.10 14.61 -22.81
CA ASP A 70 -1.65 13.38 -23.44
C ASP A 70 -1.29 13.37 -24.92
N ASP A 71 -1.33 12.20 -25.51
CA ASP A 71 -0.93 11.99 -26.91
C ASP A 71 -1.73 10.79 -27.41
N ARG A 72 -1.89 10.70 -28.74
CA ARG A 72 -2.68 9.68 -29.46
C ARG A 72 -1.92 8.37 -29.53
N PRO A 73 -2.60 7.23 -29.30
CA PRO A 73 -1.98 5.93 -29.44
C PRO A 73 -1.72 5.71 -30.93
N TYR A 74 -0.60 5.09 -31.24
CA TYR A 74 -0.28 4.53 -32.56
C TYR A 74 -1.20 3.32 -32.70
N GLY A 75 -1.83 3.23 -33.87
CA GLY A 75 -2.67 2.09 -34.26
C GLY A 75 -4.12 2.35 -33.92
N GLY A 76 -4.45 3.55 -33.44
CA GLY A 76 -5.84 3.95 -33.23
C GLY A 76 -6.29 3.30 -31.95
N GLY A 77 -7.50 3.59 -31.53
CA GLY A 77 -8.04 3.10 -30.26
C GLY A 77 -8.99 4.15 -29.72
N PRO A 78 -9.60 3.92 -28.55
CA PRO A 78 -10.56 4.86 -27.99
C PRO A 78 -9.84 6.00 -27.23
N GLY A 79 -8.74 5.67 -26.54
CA GLY A 79 -8.20 6.53 -25.47
C GLY A 79 -6.91 7.25 -25.85
N MET A 80 -6.40 8.04 -24.91
CA MET A 80 -5.12 8.75 -25.04
C MET A 80 -4.08 8.00 -24.20
N LEU A 81 -2.81 8.26 -24.43
CA LEU A 81 -1.75 7.89 -23.47
C LEU A 81 -1.12 9.14 -22.91
N MET A 82 -0.38 8.97 -21.84
CA MET A 82 0.52 10.03 -21.36
CA MET A 82 0.57 9.99 -21.33
C MET A 82 1.55 10.39 -22.45
N MET A 83 1.60 11.66 -22.80
CA MET A 83 2.62 12.24 -23.71
C MET A 83 4.01 11.91 -23.16
N VAL A 84 4.88 11.35 -23.99
CA VAL A 84 6.22 10.84 -23.58
C VAL A 84 7.10 11.96 -23.07
N GLN A 85 7.25 13.08 -23.78
CA GLN A 85 8.36 14.02 -23.46
C GLN A 85 8.18 14.57 -22.05
N PRO A 86 7.01 15.10 -21.68
CA PRO A 86 6.85 15.68 -20.35
C PRO A 86 6.90 14.64 -19.23
N LEU A 87 6.49 13.41 -19.52
CA LEU A 87 6.53 12.33 -18.50
C LEU A 87 7.97 11.90 -18.35
N ARG A 88 8.69 11.68 -19.46
CA ARG A 88 10.13 11.26 -19.49
C ARG A 88 10.90 12.32 -18.70
N ASP A 89 10.71 13.60 -18.98
CA ASP A 89 11.45 14.71 -18.30
C ASP A 89 11.15 14.72 -16.80
N ALA A 90 9.87 14.62 -16.41
CA ALA A 90 9.48 14.57 -14.98
C ALA A 90 10.19 13.40 -14.32
N ILE A 91 10.13 12.20 -14.90
CA ILE A 91 10.90 11.06 -14.36
C ILE A 91 12.38 11.46 -14.17
N HIS A 92 13.08 11.91 -15.22
CA HIS A 92 14.54 12.22 -15.14
C HIS A 92 14.79 13.25 -14.03
N THR A 93 13.89 14.20 -13.80
CA THR A 93 14.10 15.21 -12.74
C THR A 93 13.95 14.52 -11.38
N ALA A 94 12.98 13.63 -11.23
CA ALA A 94 12.78 12.94 -9.94
C ALA A 94 14.01 12.08 -9.61
N LYS A 95 14.52 11.30 -10.54
CA LYS A 95 15.76 10.49 -10.33
C LYS A 95 16.98 11.34 -9.97
N ALA A 96 17.18 12.50 -10.60
CA ALA A 96 18.31 13.41 -10.29
C ALA A 96 18.19 13.88 -8.84
N ALA A 97 16.99 14.29 -8.41
CA ALA A 97 16.71 14.70 -7.02
C ALA A 97 17.02 13.55 -6.09
N ALA A 98 16.80 12.32 -6.51
CA ALA A 98 16.77 11.17 -5.59
C ALA A 98 18.19 10.67 -5.35
N GLY A 99 19.00 10.65 -6.41
CA GLY A 99 20.35 10.07 -6.41
C GLY A 99 20.30 8.62 -6.84
N GLU A 100 21.44 7.93 -6.64
CA GLU A 100 21.61 6.46 -6.78
C GLU A 100 20.62 5.80 -5.80
N GLY A 101 20.17 4.60 -6.10
CA GLY A 101 19.35 3.81 -5.18
C GLY A 101 17.88 3.78 -5.59
N ALA A 102 17.29 4.94 -5.87
CA ALA A 102 15.83 5.10 -6.04
C ALA A 102 15.30 4.09 -7.08
N LYS A 103 14.47 3.16 -6.63
CA LYS A 103 13.75 2.23 -7.51
C LYS A 103 12.48 2.93 -8.05
N VAL A 104 12.24 2.87 -9.35
CA VAL A 104 11.05 3.47 -9.99
C VAL A 104 9.98 2.38 -10.20
N ILE A 105 8.79 2.68 -9.71
CA ILE A 105 7.56 1.81 -9.73
C ILE A 105 6.55 2.45 -10.67
N TYR A 106 6.07 1.67 -11.62
CA TYR A 106 4.85 2.08 -12.32
C TYR A 106 3.68 1.33 -11.71
N LEU A 107 2.67 2.03 -11.21
CA LEU A 107 1.38 1.37 -10.82
C LEU A 107 0.57 1.08 -12.09
N SER A 108 0.09 -0.16 -12.21
CA SER A 108 -0.83 -0.55 -13.29
C SER A 108 -1.46 -1.89 -12.98
N PRO A 109 -2.62 -2.17 -13.59
CA PRO A 109 -3.24 -3.50 -13.50
C PRO A 109 -2.42 -4.64 -14.13
N GLN A 110 -1.38 -4.34 -14.92
CA GLN A 110 -0.52 -5.37 -15.56
C GLN A 110 0.62 -5.75 -14.64
N GLY A 111 0.66 -5.15 -13.44
CA GLY A 111 1.80 -5.28 -12.54
C GLY A 111 1.67 -6.45 -11.59
N ARG A 112 2.76 -6.72 -10.89
CA ARG A 112 2.80 -7.66 -9.77
C ARG A 112 1.73 -7.25 -8.75
N LYS A 113 1.02 -8.24 -8.29
CA LYS A 113 -0.11 -8.02 -7.39
C LYS A 113 0.41 -7.64 -6.01
N LEU A 114 0.01 -6.49 -5.48
CA LEU A 114 0.48 -6.12 -4.13
C LEU A 114 -0.22 -6.97 -3.05
N ASP A 115 0.60 -7.49 -2.14
CA ASP A 115 0.13 -8.12 -0.89
C ASP A 115 1.12 -7.70 0.18
N GLN A 116 0.86 -8.08 1.41
CA GLN A 116 1.63 -7.54 2.55
C GLN A 116 3.09 -7.97 2.41
N GLY A 117 3.32 -9.19 1.97
CA GLY A 117 4.69 -9.63 1.70
C GLY A 117 5.37 -8.66 0.75
N GLY A 118 4.75 -8.39 -0.39
CA GLY A 118 5.27 -7.36 -1.32
C GLY A 118 5.41 -5.99 -0.68
N VAL A 119 4.51 -5.59 0.22
CA VAL A 119 4.66 -4.29 0.94
C VAL A 119 5.97 -4.34 1.72
N THR A 120 6.31 -5.44 2.38
CA THR A 120 7.55 -5.46 3.19
C THR A 120 8.76 -5.53 2.29
N GLU A 121 8.73 -6.19 1.11
CA GLU A 121 9.88 -6.04 0.20
C GLU A 121 10.04 -4.57 -0.17
N LEU A 122 8.95 -3.90 -0.57
CA LEU A 122 8.99 -2.49 -1.08
C LEU A 122 9.48 -1.57 0.03
N ALA A 123 9.18 -1.90 1.28
CA ALA A 123 9.55 -1.08 2.44
C ALA A 123 11.05 -1.14 2.72
N GLN A 124 11.81 -2.02 2.07
CA GLN A 124 13.29 -2.15 2.28
C GLN A 124 14.03 -1.01 1.57
N ASN A 125 13.49 -0.55 0.46
CA ASN A 125 13.97 0.65 -0.26
C ASN A 125 13.88 1.89 0.63
N GLN A 126 14.94 2.68 0.70
CA GLN A 126 14.91 3.96 1.45
C GLN A 126 14.28 5.00 0.51
N LYS A 127 14.29 4.72 -0.79
CA LYS A 127 13.88 5.68 -1.84
C LYS A 127 13.07 4.98 -2.94
N LEU A 128 11.82 5.41 -3.08
CA LEU A 128 10.94 4.99 -4.20
C LEU A 128 10.61 6.21 -5.06
N ILE A 129 10.41 5.94 -6.36
CA ILE A 129 9.73 6.92 -7.25
C ILE A 129 8.50 6.20 -7.78
N LEU A 130 7.33 6.75 -7.51
CA LEU A 130 6.05 6.16 -7.95
C LEU A 130 5.55 6.93 -9.17
N VAL A 131 5.45 6.29 -10.34
CA VAL A 131 4.97 6.97 -11.56
C VAL A 131 3.49 6.70 -11.71
N CYS A 132 2.64 7.71 -11.62
CA CYS A 132 1.16 7.56 -11.76
C CYS A 132 0.68 7.81 -13.21
N GLY A 133 0.15 6.77 -13.86
CA GLY A 133 -0.38 6.88 -15.24
C GLY A 133 -1.81 7.41 -15.22
N ARG A 134 -2.16 8.29 -16.13
CA ARG A 134 -3.59 8.64 -16.43
C ARG A 134 -3.90 8.09 -17.83
N TYR A 135 -5.12 8.35 -18.33
CA TYR A 135 -5.59 7.93 -19.67
C TYR A 135 -5.41 6.41 -19.74
N GLU A 136 -5.12 5.87 -20.91
CA GLU A 136 -5.04 4.41 -21.10
C GLU A 136 -3.64 3.92 -20.72
N GLY A 137 -2.74 4.81 -20.34
CA GLY A 137 -1.46 4.42 -19.71
C GLY A 137 -0.26 5.13 -20.31
N ILE A 138 0.92 4.52 -20.23
CA ILE A 138 2.16 5.13 -20.75
C ILE A 138 2.78 4.23 -21.83
N ASP A 139 3.66 4.82 -22.63
CA ASP A 139 4.34 4.13 -23.75
C ASP A 139 5.15 2.97 -23.19
N GLU A 140 5.11 1.84 -23.88
CA GLU A 140 5.82 0.62 -23.47
C GLU A 140 7.32 0.92 -23.40
N ARG A 141 7.86 1.87 -24.18
CA ARG A 141 9.33 2.03 -24.26
C ARG A 141 9.83 2.64 -22.96
N LEU A 142 8.97 3.41 -22.28
CA LEU A 142 9.32 4.06 -21.00
C LEU A 142 9.27 3.02 -19.90
N ILE A 143 8.44 2.02 -20.03
CA ILE A 143 8.40 0.93 -19.03
C ILE A 143 9.75 0.23 -19.18
N GLN A 144 10.13 -0.03 -20.41
CA GLN A 144 11.39 -0.74 -20.70
C GLN A 144 12.59 0.02 -20.12
N THR A 145 12.67 1.35 -20.31
CA THR A 145 13.89 2.15 -20.11
C THR A 145 13.87 2.95 -18.79
N GLU A 146 12.70 3.16 -18.13
CA GLU A 146 12.57 4.01 -16.92
C GLU A 146 12.01 3.26 -15.72
N ILE A 147 11.27 2.16 -15.91
CA ILE A 147 10.54 1.50 -14.81
C ILE A 147 11.34 0.29 -14.34
N ASP A 148 11.70 0.29 -13.06
CA ASP A 148 12.31 -0.90 -12.40
C ASP A 148 11.23 -1.93 -12.18
N GLU A 149 10.12 -1.57 -11.53
CA GLU A 149 9.05 -2.56 -11.23
C GLU A 149 7.67 -1.97 -11.51
N GLU A 150 6.81 -2.84 -12.00
CA GLU A 150 5.36 -2.64 -12.23
C GLU A 150 4.57 -3.35 -11.13
N TRP A 151 3.66 -2.67 -10.47
CA TRP A 151 2.83 -3.29 -9.39
C TRP A 151 1.36 -2.91 -9.56
N SER A 152 0.46 -3.81 -9.21
CA SER A 152 -0.99 -3.55 -9.10
C SER A 152 -1.34 -3.59 -7.63
N ILE A 153 -2.30 -2.76 -7.22
CA ILE A 153 -2.90 -2.90 -5.87
C ILE A 153 -4.04 -3.91 -5.92
N GLY A 154 -4.44 -4.37 -7.09
CA GLY A 154 -5.54 -5.34 -7.23
C GLY A 154 -6.13 -5.36 -8.63
N ASP A 155 -6.96 -6.39 -8.91
CA ASP A 155 -7.48 -6.73 -10.26
C ASP A 155 -8.74 -5.94 -10.50
N TYR A 156 -8.55 -4.64 -10.58
CA TYR A 156 -9.61 -3.66 -10.93
C TYR A 156 -8.93 -2.47 -11.62
N VAL A 157 -9.69 -1.80 -12.49
CA VAL A 157 -9.23 -0.61 -13.26
C VAL A 157 -9.80 0.65 -12.59
N LEU A 158 -8.92 1.63 -12.46
CA LEU A 158 -9.19 2.92 -11.82
C LEU A 158 -8.95 4.02 -12.86
N THR A 159 -9.18 5.26 -12.48
CA THR A 159 -9.11 6.45 -13.38
C THR A 159 -7.67 6.99 -13.41
N GLY A 160 -6.80 6.47 -12.56
CA GLY A 160 -5.37 6.78 -12.65
C GLY A 160 -4.59 6.00 -11.60
N GLY A 161 -3.28 6.20 -11.63
CA GLY A 161 -2.34 5.58 -10.70
C GLY A 161 -2.25 6.26 -9.33
N GLU A 162 -2.81 7.43 -9.14
CA GLU A 162 -2.67 8.19 -7.87
C GLU A 162 -3.16 7.32 -6.71
N LEU A 163 -4.36 6.73 -6.79
CA LEU A 163 -4.90 6.02 -5.60
C LEU A 163 -4.07 4.78 -5.35
N PRO A 164 -3.69 4.03 -6.40
CA PRO A 164 -2.69 2.97 -6.22
C PRO A 164 -1.41 3.45 -5.54
N ALA A 165 -0.85 4.57 -6.01
CA ALA A 165 0.39 5.11 -5.43
C ALA A 165 0.15 5.48 -3.96
N MET A 166 -0.94 6.20 -3.63
CA MET A 166 -1.31 6.58 -2.23
C MET A 166 -1.49 5.32 -1.34
N THR A 167 -2.07 4.25 -1.87
CA THR A 167 -2.30 2.98 -1.15
C THR A 167 -0.95 2.33 -0.81
N LEU A 168 -0.05 2.34 -1.80
CA LEU A 168 1.32 1.79 -1.68
C LEU A 168 2.06 2.58 -0.61
N ILE A 169 1.98 3.92 -0.67
CA ILE A 169 2.68 4.79 0.30
C ILE A 169 2.18 4.46 1.69
N ASP A 170 0.86 4.40 1.85
CA ASP A 170 0.30 4.23 3.22
C ASP A 170 0.74 2.85 3.75
N ALA A 171 0.71 1.83 2.90
CA ALA A 171 1.02 0.48 3.35
C ALA A 171 2.51 0.38 3.72
N VAL A 172 3.41 1.02 2.96
CA VAL A 172 4.87 0.94 3.30
C VAL A 172 5.14 1.81 4.50
N ALA A 173 4.47 2.95 4.61
CA ALA A 173 4.70 3.83 5.76
C ALA A 173 4.55 3.05 7.09
N ARG A 174 3.73 2.01 7.13
CA ARG A 174 3.38 1.34 8.41
C ARG A 174 4.59 0.54 8.89
N PHE A 175 5.52 0.26 7.99
CA PHE A 175 6.72 -0.57 8.22
C PHE A 175 7.87 0.35 8.62
N ILE A 176 7.65 1.67 8.69
CA ILE A 176 8.69 2.64 9.08
C ILE A 176 8.64 2.72 10.59
N PRO A 177 9.75 2.38 11.25
CA PRO A 177 9.73 2.26 12.70
C PRO A 177 9.39 3.67 13.18
N GLY A 178 8.42 3.76 14.09
CA GLY A 178 7.98 5.03 14.68
C GLY A 178 6.69 5.57 14.09
N VAL A 179 6.25 5.08 12.92
CA VAL A 179 5.03 5.57 12.24
C VAL A 179 3.82 5.10 13.05
N LEU A 180 3.70 3.82 13.34
CA LEU A 180 2.62 3.32 14.25
C LEU A 180 2.87 3.83 15.68
N GLY A 181 1.83 3.86 16.53
CA GLY A 181 1.83 4.54 17.84
C GLY A 181 2.01 3.60 19.00
N ASP A 189 0.46 -8.68 13.81
CA ASP A 189 -0.29 -7.41 14.03
C ASP A 189 -1.17 -7.18 12.78
N SER A 190 -0.54 -6.73 11.69
CA SER A 190 -1.05 -6.72 10.29
C SER A 190 -0.93 -8.10 9.60
N PHE A 191 -2.06 -8.79 9.38
CA PHE A 191 -2.10 -10.23 8.98
C PHE A 191 -1.11 -10.95 9.90
N ALA A 192 -1.42 -10.75 11.19
CA ALA A 192 -0.79 -11.42 12.34
C ALA A 192 -0.82 -12.92 11.96
N ASP A 193 0.37 -13.52 11.77
CA ASP A 193 0.52 -14.97 11.60
C ASP A 193 0.08 -15.38 10.17
N GLY A 194 -0.18 -14.44 9.25
CA GLY A 194 -0.77 -14.73 7.92
C GLY A 194 -2.29 -15.04 7.94
N LEU A 195 -3.00 -14.65 8.99
CA LEU A 195 -4.42 -15.03 9.18
C LEU A 195 -5.26 -13.77 9.19
N LEU A 196 -6.56 -13.90 9.01
CA LEU A 196 -7.50 -12.79 9.17
C LEU A 196 -7.57 -12.45 10.65
N ASP A 197 -8.06 -11.24 10.97
CA ASP A 197 -8.06 -10.71 12.34
C ASP A 197 -9.17 -11.41 13.15
N CYS A 198 -9.06 -11.48 14.48
CA CYS A 198 -10.14 -11.94 15.36
C CYS A 198 -11.17 -10.81 15.39
N PRO A 199 -12.41 -11.12 15.81
CA PRO A 199 -13.37 -10.11 16.24
C PRO A 199 -12.81 -9.22 17.37
N HIS A 200 -13.14 -7.93 17.34
CA HIS A 200 -12.91 -6.99 18.46
C HIS A 200 -14.22 -6.54 19.06
N TYR A 201 -14.19 -6.16 20.33
CA TYR A 201 -15.31 -5.57 21.08
C TYR A 201 -14.78 -4.40 21.91
N THR A 202 -15.63 -3.40 22.09
CA THR A 202 -15.41 -2.27 22.99
C THR A 202 -16.77 -1.95 23.61
N ARG A 203 -16.85 -0.87 24.36
CA ARG A 203 -18.09 -0.55 25.09
C ARG A 203 -19.24 -0.36 24.13
N PRO A 204 -20.49 -0.69 24.50
CA PRO A 204 -20.82 -1.27 25.80
C PRO A 204 -20.82 -2.82 25.85
N GLU A 205 -20.80 -3.31 27.07
CA GLU A 205 -20.93 -4.75 27.39
C GLU A 205 -22.05 -5.42 26.59
N VAL A 206 -23.19 -4.75 26.56
CA VAL A 206 -24.41 -5.26 25.87
C VAL A 206 -24.80 -4.21 24.85
N LEU A 207 -25.08 -4.64 23.64
CA LEU A 207 -25.43 -3.73 22.54
C LEU A 207 -26.51 -4.39 21.69
N GLU A 208 -27.75 -3.88 21.74
CA GLU A 208 -28.88 -4.45 20.96
C GLU A 208 -29.04 -5.93 21.38
N GLY A 209 -29.05 -6.20 22.70
CA GLY A 209 -29.05 -7.56 23.27
C GLY A 209 -27.85 -8.43 22.87
N LEU A 210 -26.79 -7.90 22.26
CA LEU A 210 -25.58 -8.68 21.87
C LEU A 210 -24.46 -8.39 22.85
N THR A 211 -23.92 -9.41 23.50
CA THR A 211 -22.93 -9.28 24.58
C THR A 211 -21.54 -9.68 24.06
N VAL A 212 -20.56 -9.17 24.74
CA VAL A 212 -19.12 -9.45 24.55
C VAL A 212 -18.83 -10.86 25.07
N PRO A 213 -18.09 -11.68 24.30
CA PRO A 213 -17.66 -12.99 24.82
C PRO A 213 -17.06 -12.84 26.20
N PRO A 214 -17.63 -13.54 27.22
CA PRO A 214 -17.14 -13.51 28.60
C PRO A 214 -15.62 -13.66 28.74
N VAL A 215 -15.03 -14.49 27.90
CA VAL A 215 -13.57 -14.77 27.95
C VAL A 215 -12.84 -13.42 27.86
N LEU A 216 -13.32 -12.51 27.00
CA LEU A 216 -12.66 -11.20 26.81
C LEU A 216 -12.77 -10.33 28.06
N MET A 217 -13.71 -10.62 28.98
CA MET A 217 -13.91 -9.90 30.30
C MET A 217 -13.11 -10.59 31.41
N SER A 218 -12.64 -11.81 31.16
CA SER A 218 -12.11 -12.80 32.15
C SER A 218 -10.87 -12.29 32.86
N GLY A 219 -10.02 -11.48 32.20
CA GLY A 219 -8.70 -11.04 32.72
C GLY A 219 -7.57 -12.01 32.36
N HIS A 220 -7.88 -13.29 32.08
CA HIS A 220 -6.91 -14.38 31.80
C HIS A 220 -6.30 -14.18 30.39
N HIS A 221 -5.13 -13.53 30.29
CA HIS A 221 -4.42 -13.16 29.04
C HIS A 221 -4.15 -14.38 28.16
N GLU A 222 -3.97 -15.55 28.77
CA GLU A 222 -3.53 -16.72 28.01
C GLU A 222 -4.79 -17.37 27.40
N GLU A 223 -5.92 -17.42 28.13
CA GLU A 223 -7.19 -17.96 27.54
C GLU A 223 -7.68 -16.98 26.44
N ILE A 224 -7.34 -15.70 26.53
CA ILE A 224 -7.74 -14.66 25.56
C ILE A 224 -6.84 -14.77 24.33
N ARG A 225 -5.54 -14.92 24.52
CA ARG A 225 -4.63 -15.13 23.37
C ARG A 225 -5.22 -16.25 22.51
N LYS A 226 -5.65 -17.32 23.16
CA LYS A 226 -6.00 -18.61 22.50
C LYS A 226 -7.34 -18.52 21.77
N TRP A 227 -8.32 -17.89 22.41
CA TRP A 227 -9.64 -17.57 21.81
C TRP A 227 -9.43 -16.71 20.55
N ARG A 228 -8.65 -15.64 20.60
CA ARG A 228 -8.39 -14.76 19.41
C ARG A 228 -7.78 -15.58 18.27
N LEU A 229 -6.84 -16.48 18.61
CA LEU A 229 -6.08 -17.23 17.59
C LEU A 229 -7.03 -18.24 16.99
N LYS A 230 -7.83 -18.86 17.83
CA LYS A 230 -8.79 -19.87 17.34
C LYS A 230 -9.77 -19.17 16.36
N GLN A 231 -10.31 -18.03 16.78
CA GLN A 231 -11.24 -17.19 15.99
C GLN A 231 -10.59 -16.78 14.66
N SER A 232 -9.30 -16.35 14.68
CA SER A 232 -8.56 -15.97 13.43
C SER A 232 -8.57 -17.14 12.46
N LEU A 233 -8.29 -18.33 13.01
CA LEU A 233 -8.17 -19.56 12.20
C LEU A 233 -9.54 -19.91 11.65
N GLN A 234 -10.59 -19.88 12.50
CA GLN A 234 -11.98 -20.15 12.05
C GLN A 234 -12.31 -19.16 10.93
N ARG A 235 -12.03 -17.87 11.15
CA ARG A 235 -12.43 -16.80 10.20
C ARG A 235 -11.61 -16.92 8.90
N THR A 236 -10.33 -17.30 8.95
CA THR A 236 -9.51 -17.50 7.73
C THR A 236 -10.07 -18.70 6.99
N TRP A 237 -10.31 -19.78 7.72
CA TRP A 237 -10.88 -21.03 7.20
C TRP A 237 -12.20 -20.76 6.47
N LEU A 238 -13.13 -20.05 7.12
CA LEU A 238 -14.47 -19.86 6.54
C LEU A 238 -14.44 -18.89 5.38
N ARG A 239 -13.53 -17.90 5.35
CA ARG A 239 -13.66 -16.80 4.35
C ARG A 239 -12.53 -16.84 3.32
N ARG A 240 -11.35 -17.33 3.68
CA ARG A 240 -10.15 -17.21 2.81
C ARG A 240 -9.34 -18.48 3.01
N PRO A 241 -9.98 -19.64 2.78
CA PRO A 241 -9.34 -20.94 2.95
C PRO A 241 -7.99 -20.95 2.23
N GLU A 242 -7.90 -20.33 1.05
CA GLU A 242 -6.65 -20.45 0.26
C GLU A 242 -5.51 -19.84 1.08
N LEU A 243 -5.76 -18.91 2.01
CA LEU A 243 -4.71 -18.28 2.86
C LEU A 243 -4.08 -19.30 3.81
N LEU A 244 -4.81 -20.31 4.25
CA LEU A 244 -4.26 -21.43 5.09
C LEU A 244 -3.20 -22.25 4.31
N GLU A 245 -3.35 -22.38 3.00
CA GLU A 245 -2.53 -23.27 2.15
C GLU A 245 -1.10 -22.76 2.10
N GLY A 246 -0.92 -21.43 2.14
CA GLY A 246 0.40 -20.76 2.16
C GLY A 246 1.11 -20.93 3.49
N LEU A 247 0.44 -21.39 4.56
CA LEU A 247 1.00 -21.46 5.92
C LEU A 247 1.38 -22.88 6.32
N ALA A 248 2.54 -23.00 6.96
CA ALA A 248 2.91 -24.08 7.89
C ALA A 248 2.42 -23.68 9.28
N LEU A 249 1.22 -24.13 9.62
CA LEU A 249 0.63 -23.86 10.94
C LEU A 249 1.48 -24.48 12.04
N THR A 250 1.59 -23.79 13.18
CA THR A 250 2.16 -24.33 14.43
C THR A 250 1.29 -25.45 14.99
N ASP A 251 1.83 -26.20 15.93
CA ASP A 251 1.13 -27.33 16.55
C ASP A 251 -0.14 -26.75 17.23
N GLU A 252 0.03 -25.66 17.96
CA GLU A 252 -1.09 -24.98 18.64
C GLU A 252 -2.14 -24.59 17.60
N GLN A 253 -1.71 -23.97 16.49
CA GLN A 253 -2.60 -23.53 15.40
C GLN A 253 -3.32 -24.74 14.81
N ARG A 254 -2.64 -25.85 14.50
CA ARG A 254 -3.36 -27.05 13.98
C ARG A 254 -4.43 -27.43 15.00
N LYS A 255 -4.17 -27.31 16.30
CA LYS A 255 -5.10 -27.85 17.33
C LYS A 255 -6.34 -26.94 17.40
N LEU A 256 -6.12 -25.62 17.38
CA LEU A 256 -7.23 -24.64 17.50
C LEU A 256 -8.08 -24.70 16.22
N LEU A 257 -7.44 -24.88 15.05
CA LEU A 257 -8.18 -24.99 13.78
C LEU A 257 -9.10 -26.21 13.83
N LYS A 258 -8.55 -27.38 14.17
CA LYS A 258 -9.30 -28.67 14.28
C LYS A 258 -10.52 -28.45 15.15
N GLU A 259 -10.30 -27.88 16.34
CA GLU A 259 -11.36 -27.60 17.34
C GLU A 259 -12.44 -26.73 16.70
N ALA A 260 -12.07 -25.60 16.06
CA ALA A 260 -13.04 -24.64 15.45
C ALA A 260 -13.90 -25.33 14.36
N GLN A 261 -13.26 -26.09 13.49
CA GLN A 261 -13.90 -26.97 12.50
C GLN A 261 -14.88 -27.97 13.16
N ALA A 262 -14.53 -28.56 14.29
CA ALA A 262 -15.39 -29.53 15.00
C ALA A 262 -16.60 -28.82 15.64
N GLU A 263 -16.44 -27.59 16.16
CA GLU A 263 -17.55 -26.78 16.74
C GLU A 263 -18.45 -26.17 15.65
N HIS A 264 -17.98 -26.11 14.41
CA HIS A 264 -18.80 -25.70 13.23
C HIS A 264 -19.84 -26.77 12.87
N ASN A 265 -19.38 -28.02 12.71
CA ASN A 265 -20.12 -29.24 12.26
C ASN A 265 -21.02 -29.85 13.36
#